data_5LPO
#
_entry.id   5LPO
#
_cell.length_a   84.662
_cell.length_b   64.819
_cell.length_c   71.241
_cell.angle_alpha   90.00
_cell.angle_beta   93.53
_cell.angle_gamma   90.00
#
_symmetry.space_group_name_H-M   'C 1 2 1'
#
loop_
_entity.id
_entity.type
_entity.pdbx_description
1 polymer 'Queuine tRNA-ribosyltransferase'
2 non-polymer GLYCEROL
3 non-polymer 'ZINC ION'
4 non-polymer 6-amino-2-(methylamino)-4-(2-((2R,3R,4R,5R)-3,4,5-trimethoxytetrahydrofuran-2-yl)ethyl)-1H-imidazo[4,5-g]quinazolin-8(7H)-one
5 non-polymer 1,2-ETHANEDIOL
6 non-polymer 'TETRAETHYLENE GLYCOL'
7 water water
#
_entity_poly.entity_id   1
_entity_poly.type   'polypeptide(L)'
_entity_poly.pdbx_seq_one_letter_code
;GSMVEATAQETDRPRFSFSIAAREGKARTGTIEMKRGVIRTPAFMPVGTAATVKALKPETVRATGADIILGNTYHLMLRP
GAERIAKLGGLHSFMGWDRPILTDSGGYQVMSLSSLTKQSEEGVTFKSHLDGSRHMLSPERSIEIQHLLGSDIVMAFDEC
TPYPATPSRAASSMERSMRWAKRSRDAFDSRKEQAENAALFGIQQGSVFENLRQQSADALAEIGFDGYAVGGLAVGEGQD
EMFRVLDFSVPMLPDDKPHYLMGVGKPDDIVGAVERGIDMFDCVLPTRSGRNGQAFTWDGPINIRNARFSEDLKPLDSEC
HCAVCQKWSRAYIHHLIRAGEILGAMLMTEHNIAFYQQLMQKIRDSISEGRFSQFAQDFRARYFARNS
;
_entity_poly.pdbx_strand_id   A
#
loop_
_chem_comp.id
_chem_comp.type
_chem_comp.name
_chem_comp.formula
725 non-polymer 6-amino-2-(methylamino)-4-(2-((2R,3R,4R,5R)-3,4,5-trimethoxytetrahydrofuran-2-yl)ethyl)-1H-imidazo[4,5-g]quinazolin-8(7H)-one 'C19 H26 N6 O5'
EDO non-polymer 1,2-ETHANEDIOL 'C2 H6 O2'
GOL non-polymer GLYCEROL 'C3 H8 O3'
PG4 non-polymer 'TETRAETHYLENE GLYCOL' 'C8 H18 O5'
ZN non-polymer 'ZINC ION' 'Zn 2'
#
# COMPACT_ATOMS: atom_id res chain seq x y z
N ASP A 12 -9.64 -25.58 -3.99
CA ASP A 12 -8.32 -24.97 -3.96
C ASP A 12 -8.28 -23.68 -4.77
N ARG A 13 -7.80 -22.61 -4.13
CA ARG A 13 -7.79 -21.31 -4.78
C ARG A 13 -6.73 -21.27 -5.88
N PRO A 14 -6.94 -20.44 -6.90
CA PRO A 14 -5.94 -20.29 -7.95
C PRO A 14 -4.76 -19.45 -7.48
N ARG A 15 -3.71 -19.44 -8.31
CA ARG A 15 -2.57 -18.54 -8.07
C ARG A 15 -3.04 -17.10 -7.98
N PHE A 16 -3.91 -16.68 -8.90
CA PHE A 16 -4.40 -15.31 -8.91
C PHE A 16 -5.66 -15.21 -9.73
N SER A 17 -6.72 -14.63 -9.16
N SER A 17 -6.72 -14.74 -9.12
CA SER A 17 -7.97 -14.40 -9.88
CA SER A 17 -7.87 -14.30 -9.86
C SER A 17 -8.72 -13.21 -9.28
C SER A 17 -8.32 -12.98 -9.26
N PHE A 18 -8.96 -12.17 -10.10
CA PHE A 18 -9.62 -10.96 -9.65
C PHE A 18 -11.01 -10.93 -10.26
N SER A 19 -12.03 -10.77 -9.42
N SER A 19 -12.02 -10.81 -9.41
N SER A 19 -12.02 -10.76 -9.42
CA SER A 19 -13.41 -10.74 -9.88
CA SER A 19 -13.41 -10.73 -9.83
CA SER A 19 -13.41 -10.74 -9.87
C SER A 19 -14.12 -9.52 -9.32
C SER A 19 -13.97 -9.40 -9.35
C SER A 19 -14.09 -9.49 -9.32
N ILE A 20 -14.76 -8.76 -10.19
CA ILE A 20 -15.47 -7.55 -9.81
C ILE A 20 -16.93 -7.93 -9.55
N ALA A 21 -17.38 -7.71 -8.31
CA ALA A 21 -18.74 -8.07 -7.91
C ALA A 21 -19.74 -6.95 -8.13
N ALA A 22 -19.30 -5.69 -8.11
CA ALA A 22 -20.23 -4.57 -8.21
C ALA A 22 -19.45 -3.32 -8.55
N ARG A 23 -20.12 -2.38 -9.21
N ARG A 23 -20.12 -2.39 -9.22
CA ARG A 23 -19.52 -1.14 -9.68
CA ARG A 23 -19.53 -1.13 -9.66
C ARG A 23 -20.46 0.03 -9.43
C ARG A 23 -20.47 0.01 -9.31
N GLU A 24 -19.89 1.20 -9.18
CA GLU A 24 -20.66 2.44 -9.08
C GLU A 24 -19.79 3.55 -9.64
N GLY A 25 -20.17 4.08 -10.81
CA GLY A 25 -19.27 5.00 -11.50
C GLY A 25 -17.99 4.26 -11.86
N LYS A 26 -16.84 4.87 -11.57
CA LYS A 26 -15.55 4.21 -11.75
C LYS A 26 -15.17 3.30 -10.58
N ALA A 27 -15.89 3.37 -9.46
CA ALA A 27 -15.55 2.57 -8.30
C ALA A 27 -15.96 1.11 -8.51
N ARG A 28 -15.14 0.19 -8.00
CA ARG A 28 -15.40 -1.24 -8.09
C ARG A 28 -15.21 -1.89 -6.73
N THR A 29 -15.93 -2.97 -6.49
CA THR A 29 -15.67 -3.81 -5.33
C THR A 29 -15.65 -5.26 -5.78
N GLY A 30 -14.76 -6.04 -5.18
CA GLY A 30 -14.60 -7.42 -5.62
C GLY A 30 -13.63 -8.20 -4.77
N THR A 31 -13.02 -9.23 -5.32
CA THR A 31 -12.13 -10.10 -4.58
C THR A 31 -10.95 -10.50 -5.43
N ILE A 32 -9.77 -10.55 -4.81
CA ILE A 32 -8.61 -11.23 -5.39
C ILE A 32 -8.49 -12.56 -4.67
N GLU A 33 -8.51 -13.67 -5.41
CA GLU A 33 -8.24 -14.98 -4.83
C GLU A 33 -6.80 -15.37 -5.11
N MET A 34 -6.08 -15.78 -4.07
CA MET A 34 -4.72 -16.30 -4.18
C MET A 34 -4.64 -17.56 -3.34
N LYS A 35 -3.53 -18.28 -3.47
N LYS A 35 -3.53 -18.28 -3.47
CA LYS A 35 -3.41 -19.58 -2.81
CA LYS A 35 -3.41 -19.56 -2.76
C LYS A 35 -3.45 -19.45 -1.29
C LYS A 35 -3.54 -19.37 -1.25
N ARG A 36 -2.97 -18.34 -0.74
N ARG A 36 -2.93 -18.32 -0.71
CA ARG A 36 -2.97 -18.16 0.70
CA ARG A 36 -2.92 -18.10 0.73
C ARG A 36 -4.21 -17.49 1.26
C ARG A 36 -4.15 -17.36 1.26
N GLY A 37 -5.08 -16.95 0.41
CA GLY A 37 -6.30 -16.33 0.90
C GLY A 37 -6.97 -15.43 -0.12
N VAL A 38 -8.13 -14.92 0.31
CA VAL A 38 -8.95 -13.99 -0.47
C VAL A 38 -8.73 -12.58 0.05
N ILE A 39 -8.63 -11.64 -0.88
CA ILE A 39 -8.45 -10.22 -0.55
C ILE A 39 -9.68 -9.46 -1.04
N ARG A 40 -10.41 -8.84 -0.12
CA ARG A 40 -11.58 -8.04 -0.48
C ARG A 40 -11.13 -6.65 -0.92
N THR A 41 -11.67 -6.17 -2.04
CA THR A 41 -11.26 -4.88 -2.59
C THR A 41 -12.48 -3.96 -2.70
N PRO A 42 -12.30 -2.64 -2.52
CA PRO A 42 -11.01 -2.00 -2.23
C PRO A 42 -10.40 -2.39 -0.89
N ALA A 43 -9.08 -2.54 -0.88
CA ALA A 43 -8.35 -3.09 0.25
C ALA A 43 -7.34 -2.10 0.78
N PHE A 44 -7.21 -2.04 2.11
N PHE A 44 -7.20 -2.08 2.11
CA PHE A 44 -6.06 -1.39 2.72
CA PHE A 44 -6.10 -1.41 2.79
C PHE A 44 -5.13 -2.46 3.25
C PHE A 44 -5.12 -2.48 3.26
N MET A 45 -3.83 -2.28 2.98
CA MET A 45 -2.81 -3.27 3.26
C MET A 45 -1.86 -2.67 4.28
N PRO A 46 -1.96 -3.03 5.55
CA PRO A 46 -1.13 -2.40 6.58
C PRO A 46 0.25 -3.04 6.65
N VAL A 47 1.18 -2.26 7.19
N VAL A 47 1.19 -2.29 7.23
CA VAL A 47 2.48 -2.80 7.57
CA VAL A 47 2.51 -2.84 7.51
C VAL A 47 2.25 -3.94 8.55
C VAL A 47 2.41 -3.86 8.63
N GLY A 48 3.05 -5.01 8.44
CA GLY A 48 2.91 -6.12 9.37
C GLY A 48 3.59 -5.91 10.71
N THR A 49 4.59 -5.03 10.78
CA THR A 49 5.43 -4.93 11.97
C THR A 49 4.98 -3.85 12.96
N ALA A 50 3.96 -3.07 12.66
CA ALA A 50 3.62 -1.99 13.58
C ALA A 50 2.67 -2.41 14.69
N ALA A 51 1.93 -3.50 14.50
CA ALA A 51 1.04 -4.03 15.52
C ALA A 51 0.80 -5.48 15.14
N THR A 52 0.23 -6.23 16.07
CA THR A 52 -0.21 -7.58 15.74
C THR A 52 -1.45 -7.47 14.88
N VAL A 53 -1.30 -7.68 13.58
CA VAL A 53 -2.41 -7.63 12.65
C VAL A 53 -3.08 -9.01 12.64
N LYS A 54 -4.40 -9.01 12.78
CA LYS A 54 -5.18 -10.25 12.77
C LYS A 54 -5.85 -10.44 11.42
N ALA A 55 -6.25 -11.68 11.16
CA ALA A 55 -6.97 -11.99 9.93
C ALA A 55 -8.30 -11.25 9.90
N ALA A 66 -7.06 -7.42 8.55
CA ALA A 66 -6.58 -7.25 7.17
C ALA A 66 -6.58 -8.59 6.43
N ASP A 67 -6.69 -8.51 5.10
CA ASP A 67 -6.59 -9.70 4.25
C ASP A 67 -5.18 -9.92 3.71
N ILE A 68 -4.35 -8.88 3.77
CA ILE A 68 -3.00 -8.92 3.21
C ILE A 68 -2.21 -7.86 3.97
N ILE A 69 -0.94 -8.16 4.26
CA ILE A 69 -0.05 -7.21 4.91
C ILE A 69 1.15 -6.96 4.02
N LEU A 70 1.90 -5.91 4.37
CA LEU A 70 3.09 -5.53 3.62
C LEU A 70 4.34 -6.03 4.35
N GLY A 71 5.33 -6.45 3.56
CA GLY A 71 6.70 -6.55 4.04
C GLY A 71 7.52 -5.38 3.51
N ASN A 72 8.41 -4.86 4.36
CA ASN A 72 9.24 -3.70 3.99
C ASN A 72 10.53 -4.23 3.36
N THR A 73 10.49 -4.37 2.03
CA THR A 73 11.62 -4.96 1.29
C THR A 73 12.93 -4.23 1.58
N TYR A 74 12.91 -2.90 1.50
CA TYR A 74 14.14 -2.13 1.69
C TYR A 74 14.75 -2.40 3.06
N HIS A 75 13.93 -2.33 4.12
CA HIS A 75 14.47 -2.61 5.45
C HIS A 75 14.97 -4.04 5.56
N LEU A 76 14.18 -5.00 5.06
CA LEU A 76 14.54 -6.41 5.19
C LEU A 76 15.83 -6.74 4.43
N MET A 77 16.08 -6.07 3.30
CA MET A 77 17.34 -6.26 2.56
C MET A 77 18.54 -5.91 3.43
N LEU A 78 18.39 -4.88 4.25
CA LEU A 78 19.50 -4.40 5.09
C LEU A 78 19.58 -5.12 6.42
N ARG A 79 18.46 -5.56 6.97
CA ARG A 79 18.43 -6.25 8.25
C ARG A 79 17.22 -7.17 8.28
N PRO A 80 17.43 -8.49 8.33
CA PRO A 80 18.72 -9.20 8.41
C PRO A 80 19.30 -9.58 7.05
N GLY A 81 18.65 -9.16 5.98
CA GLY A 81 19.03 -9.59 4.65
C GLY A 81 18.08 -10.64 4.13
N ALA A 82 17.85 -10.63 2.81
CA ALA A 82 16.87 -11.52 2.22
C ALA A 82 17.28 -12.98 2.35
N GLU A 83 18.56 -13.27 2.18
N GLU A 83 18.56 -13.29 2.16
CA GLU A 83 19.04 -14.65 2.32
CA GLU A 83 19.03 -14.66 2.32
C GLU A 83 18.80 -15.17 3.73
C GLU A 83 18.73 -15.17 3.72
N ARG A 84 18.96 -14.31 4.74
N ARG A 84 18.97 -14.34 4.74
CA ARG A 84 18.71 -14.72 6.11
CA ARG A 84 18.70 -14.74 6.11
C ARG A 84 17.21 -14.94 6.37
C ARG A 84 17.20 -14.96 6.34
N ILE A 85 16.35 -14.07 5.82
CA ILE A 85 14.91 -14.31 5.94
C ILE A 85 14.54 -15.65 5.32
N ALA A 86 15.12 -15.98 4.15
CA ALA A 86 14.85 -17.28 3.54
C ALA A 86 15.31 -18.42 4.43
N LYS A 87 16.50 -18.29 5.05
CA LYS A 87 16.99 -19.32 5.97
C LYS A 87 16.04 -19.52 7.14
N LEU A 88 15.38 -18.45 7.60
CA LEU A 88 14.43 -18.53 8.69
C LEU A 88 13.07 -19.05 8.27
N GLY A 89 12.88 -19.33 6.98
CA GLY A 89 11.65 -19.91 6.49
C GLY A 89 10.78 -18.98 5.69
N GLY A 90 11.21 -17.75 5.40
CA GLY A 90 10.41 -16.79 4.68
C GLY A 90 9.57 -15.93 5.61
N LEU A 91 9.02 -14.84 5.04
CA LEU A 91 8.30 -13.87 5.87
C LEU A 91 7.04 -14.44 6.52
N HIS A 92 6.37 -15.38 5.87
CA HIS A 92 5.14 -15.91 6.45
C HIS A 92 5.44 -16.57 7.79
N SER A 93 6.44 -17.45 7.80
CA SER A 93 6.86 -18.10 9.03
C SER A 93 7.44 -17.11 10.02
N PHE A 94 8.28 -16.20 9.53
CA PHE A 94 9.00 -15.25 10.39
C PHE A 94 8.01 -14.37 11.16
N MET A 95 7.01 -13.83 10.45
CA MET A 95 6.07 -12.90 11.04
C MET A 95 4.84 -13.59 11.63
N GLY A 96 4.69 -14.89 11.43
CA GLY A 96 3.51 -15.60 11.93
C GLY A 96 2.24 -15.19 11.19
N TRP A 97 2.31 -15.04 9.87
CA TRP A 97 1.20 -14.58 9.06
C TRP A 97 1.05 -15.54 7.89
N ASP A 98 -0.05 -16.28 7.84
CA ASP A 98 -0.24 -17.31 6.82
C ASP A 98 -1.03 -16.85 5.61
N ARG A 99 -1.41 -15.58 5.55
CA ARG A 99 -2.22 -15.03 4.46
C ARG A 99 -1.31 -14.29 3.48
N PRO A 100 -1.85 -13.66 2.43
CA PRO A 100 -0.96 -13.02 1.45
C PRO A 100 -0.12 -11.88 2.04
N ILE A 101 1.06 -11.69 1.44
CA ILE A 101 1.98 -10.60 1.76
C ILE A 101 2.36 -9.93 0.44
N LEU A 102 2.36 -8.60 0.42
CA LEU A 102 2.84 -7.81 -0.70
C LEU A 102 4.15 -7.13 -0.31
N THR A 103 5.12 -7.14 -1.25
CA THR A 103 6.39 -6.45 -1.06
C THR A 103 6.63 -5.48 -2.21
N ASP A 104 7.22 -4.33 -1.89
CA ASP A 104 7.67 -3.42 -2.93
C ASP A 104 9.01 -3.88 -3.51
N SER A 105 9.42 -3.24 -4.59
CA SER A 105 10.63 -3.66 -5.28
C SER A 105 11.90 -3.08 -4.67
N GLY A 106 11.80 -2.13 -3.75
CA GLY A 106 12.90 -1.70 -2.92
C GLY A 106 13.59 -0.43 -3.36
N GLY A 107 13.38 0.00 -4.60
CA GLY A 107 14.11 1.15 -5.10
C GLY A 107 13.57 2.49 -4.63
N TYR A 108 12.27 2.58 -4.33
CA TYR A 108 11.72 3.84 -3.86
C TYR A 108 12.45 4.33 -2.63
N GLN A 109 12.67 3.42 -1.67
CA GLN A 109 13.30 3.77 -0.42
C GLN A 109 14.79 3.97 -0.57
N VAL A 110 15.44 3.23 -1.48
CA VAL A 110 16.84 3.47 -1.78
C VAL A 110 17.04 4.92 -2.20
N MET A 111 16.22 5.39 -3.15
CA MET A 111 16.28 6.79 -3.54
C MET A 111 15.84 7.71 -2.41
N SER A 112 14.99 7.22 -1.50
CA SER A 112 14.44 8.07 -0.48
C SER A 112 15.33 8.14 0.76
N LEU A 113 15.95 7.01 1.14
CA LEU A 113 16.63 6.90 2.43
C LEU A 113 18.13 6.63 2.34
N SER A 114 18.63 6.07 1.25
CA SER A 114 20.04 5.67 1.18
C SER A 114 20.98 6.86 1.03
N THR A 117 23.86 7.02 -3.63
CA THR A 117 23.37 6.12 -4.66
C THR A 117 23.99 6.44 -6.02
N LYS A 118 24.10 5.41 -6.88
CA LYS A 118 24.60 5.57 -8.23
C LYS A 118 23.70 4.78 -9.17
N GLN A 119 23.12 5.45 -10.16
CA GLN A 119 22.15 4.85 -11.05
C GLN A 119 22.78 4.53 -12.40
N SER A 120 22.27 3.48 -13.04
CA SER A 120 22.64 3.12 -14.41
C SER A 120 21.49 2.31 -14.99
N GLU A 121 21.61 1.99 -16.27
CA GLU A 121 20.62 1.13 -16.91
C GLU A 121 20.55 -0.24 -16.26
N GLU A 122 21.64 -0.68 -15.63
CA GLU A 122 21.65 -1.98 -14.96
C GLU A 122 20.79 -1.95 -13.69
N GLY A 123 20.80 -0.83 -12.97
CA GLY A 123 20.13 -0.76 -11.67
C GLY A 123 20.74 0.36 -10.84
N VAL A 124 20.64 0.22 -9.53
N VAL A 124 20.66 0.21 -9.53
CA VAL A 124 21.14 1.23 -8.61
CA VAL A 124 21.11 1.22 -8.58
C VAL A 124 22.07 0.55 -7.60
C VAL A 124 22.03 0.57 -7.56
N THR A 125 23.18 1.20 -7.30
CA THR A 125 24.09 0.75 -6.27
C THR A 125 24.06 1.75 -5.12
N PHE A 126 24.21 1.25 -3.90
CA PHE A 126 24.13 2.09 -2.72
C PHE A 126 24.83 1.40 -1.56
N LYS A 127 25.16 2.19 -0.53
CA LYS A 127 25.85 1.70 0.65
C LYS A 127 24.91 1.70 1.85
N SER A 128 24.99 0.65 2.65
CA SER A 128 24.13 0.52 3.83
C SER A 128 24.64 1.41 4.95
N HIS A 129 23.76 2.27 5.47
CA HIS A 129 24.11 3.07 6.63
C HIS A 129 24.29 2.24 7.89
N LEU A 130 23.69 1.05 7.93
CA LEU A 130 23.75 0.22 9.14
C LEU A 130 25.16 -0.34 9.36
N ASP A 131 25.83 -0.74 8.28
CA ASP A 131 27.13 -1.38 8.44
C ASP A 131 28.10 -1.13 7.29
N GLY A 132 27.77 -0.27 6.34
CA GLY A 132 28.67 0.07 5.25
C GLY A 132 28.72 -0.93 4.11
N SER A 133 27.97 -2.03 4.18
CA SER A 133 28.02 -3.04 3.14
C SER A 133 27.51 -2.48 1.82
N ARG A 134 28.00 -3.05 0.72
CA ARG A 134 27.59 -2.65 -0.61
C ARG A 134 26.38 -3.46 -1.06
N HIS A 135 25.50 -2.80 -1.82
CA HIS A 135 24.31 -3.44 -2.35
C HIS A 135 24.03 -2.88 -3.74
N MET A 136 23.81 -3.77 -4.70
CA MET A 136 23.21 -3.40 -5.98
C MET A 136 21.76 -3.82 -5.97
N LEU A 137 20.93 -3.05 -6.65
CA LEU A 137 19.54 -3.40 -6.85
C LEU A 137 19.23 -3.23 -8.33
N SER A 138 18.80 -4.29 -8.96
CA SER A 138 18.44 -4.33 -10.37
C SER A 138 17.09 -4.99 -10.45
N PRO A 139 16.43 -4.99 -11.62
CA PRO A 139 15.20 -5.78 -11.75
C PRO A 139 15.39 -7.22 -11.33
N GLU A 140 16.47 -7.86 -11.79
CA GLU A 140 16.69 -9.26 -11.48
C GLU A 140 16.91 -9.47 -9.98
N ARG A 141 17.74 -8.61 -9.36
CA ARG A 141 18.01 -8.78 -7.93
C ARG A 141 16.78 -8.46 -7.09
N SER A 142 15.99 -7.46 -7.50
CA SER A 142 14.78 -7.13 -6.75
C SER A 142 13.80 -8.30 -6.75
N ILE A 143 13.61 -8.92 -7.92
CA ILE A 143 12.72 -10.08 -8.00
C ILE A 143 13.25 -11.22 -7.15
N GLU A 144 14.56 -11.45 -7.17
CA GLU A 144 15.13 -12.51 -6.36
C GLU A 144 14.98 -12.23 -4.87
N ILE A 145 15.20 -10.99 -4.45
CA ILE A 145 14.98 -10.61 -3.05
C ILE A 145 13.54 -10.91 -2.65
N GLN A 146 12.57 -10.50 -3.48
CA GLN A 146 11.17 -10.73 -3.12
C GLN A 146 10.85 -12.22 -3.12
N HIS A 147 11.51 -13.01 -3.97
CA HIS A 147 11.36 -14.46 -3.94
C HIS A 147 11.86 -15.03 -2.62
N LEU A 148 13.07 -14.61 -2.20
CA LEU A 148 13.63 -15.09 -0.94
C LEU A 148 12.76 -14.70 0.26
N LEU A 149 12.16 -13.51 0.20
CA LEU A 149 11.24 -13.11 1.27
C LEU A 149 9.96 -13.95 1.26
N GLY A 150 9.60 -14.53 0.11
CA GLY A 150 8.42 -15.37 0.02
C GLY A 150 7.13 -14.63 -0.21
N SER A 151 7.18 -13.41 -0.71
N SER A 151 7.20 -13.44 -0.81
CA SER A 151 5.93 -12.66 -0.81
CA SER A 151 6.04 -12.58 -1.04
C SER A 151 5.04 -13.17 -1.93
C SER A 151 5.03 -13.24 -1.98
N ASP A 152 3.74 -12.94 -1.76
CA ASP A 152 2.72 -13.41 -2.69
C ASP A 152 2.45 -12.43 -3.81
N ILE A 153 2.50 -11.12 -3.54
CA ILE A 153 2.38 -10.11 -4.58
C ILE A 153 3.71 -9.40 -4.66
N VAL A 154 4.34 -9.49 -5.82
CA VAL A 154 5.67 -8.97 -6.09
C VAL A 154 5.51 -7.76 -6.99
N MET A 155 6.21 -6.67 -6.64
CA MET A 155 6.19 -5.47 -7.50
C MET A 155 7.37 -5.47 -8.46
N ALA A 156 7.11 -5.05 -9.69
CA ALA A 156 8.19 -4.80 -10.64
C ALA A 156 9.14 -3.74 -10.10
N PHE A 157 10.40 -3.82 -10.53
CA PHE A 157 11.42 -2.86 -10.13
C PHE A 157 11.35 -1.65 -11.06
N ASP A 158 11.02 -0.49 -10.51
CA ASP A 158 10.76 0.73 -11.27
C ASP A 158 11.59 1.88 -10.71
N GLU A 159 11.46 3.04 -11.36
CA GLU A 159 11.98 4.29 -10.84
C GLU A 159 10.81 5.21 -10.56
N CYS A 160 10.65 5.63 -9.30
CA CYS A 160 9.62 6.60 -8.95
C CYS A 160 10.14 7.98 -9.31
N THR A 161 9.63 8.55 -10.39
CA THR A 161 10.20 9.80 -10.92
C THR A 161 10.01 10.91 -9.89
N PRO A 162 11.04 11.72 -9.61
CA PRO A 162 10.85 12.85 -8.69
C PRO A 162 9.81 13.84 -9.21
N TYR A 163 9.20 14.55 -8.26
CA TYR A 163 8.24 15.60 -8.58
C TYR A 163 8.74 16.94 -8.02
N PRO A 164 8.69 18.00 -8.84
CA PRO A 164 8.24 17.99 -10.24
C PRO A 164 9.30 17.47 -11.20
N ALA A 165 8.87 17.12 -12.40
CA ALA A 165 9.77 16.64 -13.43
C ALA A 165 9.39 17.30 -14.76
N THR A 166 10.40 17.66 -15.55
CA THR A 166 10.12 18.15 -16.88
C THR A 166 9.59 17.00 -17.75
N PRO A 167 8.88 17.32 -18.83
CA PRO A 167 8.44 16.24 -19.74
C PRO A 167 9.58 15.37 -20.24
N SER A 168 10.72 15.95 -20.57
CA SER A 168 11.83 15.15 -21.09
C SER A 168 12.33 14.17 -20.03
N ARG A 169 12.52 14.66 -18.80
CA ARG A 169 13.03 13.78 -17.75
C ARG A 169 12.00 12.74 -17.34
N ALA A 170 10.72 13.14 -17.26
CA ALA A 170 9.68 12.17 -16.97
C ALA A 170 9.63 11.07 -18.02
N ALA A 171 9.82 11.44 -19.29
CA ALA A 171 9.78 10.46 -20.37
C ALA A 171 10.96 9.50 -20.29
N SER A 172 12.18 10.05 -20.16
N SER A 172 12.18 10.03 -20.13
CA SER A 172 13.36 9.18 -20.03
CA SER A 172 13.34 9.14 -20.05
C SER A 172 13.21 8.23 -18.85
C SER A 172 13.28 8.24 -18.83
N SER A 173 12.76 8.76 -17.71
CA SER A 173 12.58 7.93 -16.52
C SER A 173 11.55 6.83 -16.77
N MET A 174 10.39 7.20 -17.31
CA MET A 174 9.35 6.22 -17.58
C MET A 174 9.85 5.14 -18.55
N GLU A 175 10.59 5.55 -19.58
CA GLU A 175 11.09 4.58 -20.56
C GLU A 175 12.02 3.57 -19.90
N ARG A 176 12.93 4.04 -19.03
CA ARG A 176 13.77 3.11 -18.28
C ARG A 176 12.92 2.17 -17.42
N SER A 177 11.93 2.72 -16.71
CA SER A 177 11.05 1.87 -15.92
C SER A 177 10.36 0.80 -16.77
N MET A 178 10.00 1.13 -18.00
CA MET A 178 9.33 0.11 -18.82
C MET A 178 10.31 -0.97 -19.26
N ARG A 179 11.55 -0.60 -19.57
CA ARG A 179 12.57 -1.62 -19.82
C ARG A 179 12.80 -2.48 -18.58
N TRP A 180 12.83 -1.84 -17.40
CA TRP A 180 12.97 -2.59 -16.16
C TRP A 180 11.75 -3.46 -15.88
N ALA A 181 10.57 -3.04 -16.32
CA ALA A 181 9.37 -3.85 -16.13
C ALA A 181 9.45 -5.15 -16.92
N LYS A 182 9.97 -5.08 -18.15
CA LYS A 182 10.15 -6.30 -18.94
C LYS A 182 11.20 -7.21 -18.30
N ARG A 183 12.30 -6.63 -17.81
CA ARG A 183 13.29 -7.44 -17.12
C ARG A 183 12.73 -8.06 -15.84
N SER A 184 11.85 -7.34 -15.14
CA SER A 184 11.20 -7.88 -13.95
C SER A 184 10.32 -9.07 -14.30
N ARG A 185 9.51 -8.91 -15.35
CA ARG A 185 8.65 -9.98 -15.83
C ARG A 185 9.46 -11.24 -16.14
N ASP A 186 10.57 -11.06 -16.86
CA ASP A 186 11.37 -12.22 -17.27
C ASP A 186 12.03 -12.89 -16.06
N ALA A 187 12.54 -12.08 -15.11
CA ALA A 187 13.14 -12.66 -13.91
C ALA A 187 12.13 -13.45 -13.10
N PHE A 188 10.92 -12.89 -12.93
CA PHE A 188 9.86 -13.56 -12.19
C PHE A 188 9.48 -14.88 -12.86
N ASP A 189 9.35 -14.88 -14.20
CA ASP A 189 8.94 -16.08 -14.92
C ASP A 189 10.00 -17.17 -14.89
N SER A 190 11.26 -16.81 -14.63
N SER A 190 11.26 -16.81 -14.63
CA SER A 190 12.36 -17.75 -14.64
CA SER A 190 12.34 -17.79 -14.63
C SER A 190 12.55 -18.47 -13.31
C SER A 190 12.38 -18.63 -13.37
N ARG A 191 11.70 -18.20 -12.32
N ARG A 191 11.76 -18.16 -12.28
CA ARG A 191 11.77 -18.83 -11.00
CA ARG A 191 11.79 -18.85 -11.00
C ARG A 191 10.46 -19.60 -10.81
C ARG A 191 10.47 -19.60 -10.84
N LYS A 192 10.53 -20.93 -10.96
CA LYS A 192 9.31 -21.74 -11.04
C LYS A 192 8.40 -21.56 -9.83
N GLU A 193 8.96 -21.63 -8.63
CA GLU A 193 8.13 -21.51 -7.44
C GLU A 193 7.42 -20.17 -7.41
N GLN A 194 8.10 -19.12 -7.86
CA GLN A 194 7.52 -17.79 -7.88
C GLN A 194 6.45 -17.68 -8.96
N ALA A 195 6.79 -18.10 -10.19
CA ALA A 195 5.84 -18.00 -11.30
C ALA A 195 4.56 -18.78 -11.03
N GLU A 196 4.65 -19.89 -10.31
CA GLU A 196 3.49 -20.75 -10.11
C GLU A 196 2.67 -20.39 -8.88
N ASN A 197 3.25 -19.64 -7.93
CA ASN A 197 2.58 -19.40 -6.66
C ASN A 197 2.39 -17.95 -6.28
N ALA A 198 3.12 -17.03 -6.89
CA ALA A 198 3.01 -15.61 -6.60
C ALA A 198 2.40 -14.89 -7.80
N ALA A 199 2.22 -13.57 -7.64
CA ALA A 199 1.70 -12.72 -8.69
C ALA A 199 2.63 -11.51 -8.83
N LEU A 200 2.65 -10.93 -10.03
CA LEU A 200 3.55 -9.83 -10.35
C LEU A 200 2.73 -8.64 -10.82
N PHE A 201 2.96 -7.47 -10.22
CA PHE A 201 2.30 -6.24 -10.62
C PHE A 201 3.28 -5.34 -11.35
N GLY A 202 2.80 -4.72 -12.44
CA GLY A 202 3.57 -3.69 -13.11
C GLY A 202 3.21 -2.31 -12.58
N ILE A 203 4.13 -1.35 -12.71
CA ILE A 203 3.95 -0.02 -12.13
C ILE A 203 3.99 1.04 -13.24
N GLN A 204 2.89 1.77 -13.38
CA GLN A 204 2.81 2.85 -14.35
C GLN A 204 3.56 4.07 -13.82
N GLN A 205 4.33 4.69 -14.71
CA GLN A 205 4.99 5.96 -14.41
C GLN A 205 4.57 7.00 -15.45
N GLY A 206 5.31 8.11 -15.56
CA GLY A 206 4.91 9.18 -16.46
C GLY A 206 4.63 10.51 -15.79
N SER A 207 4.91 10.61 -14.49
CA SER A 207 4.73 11.86 -13.73
C SER A 207 3.29 12.34 -13.90
N VAL A 208 3.06 13.61 -14.22
CA VAL A 208 1.72 14.17 -14.32
C VAL A 208 1.27 14.30 -15.77
N PHE A 209 1.95 13.64 -16.71
CA PHE A 209 1.75 13.89 -18.14
C PHE A 209 0.90 12.78 -18.75
N GLU A 210 -0.24 13.16 -19.31
CA GLU A 210 -1.20 12.20 -19.83
C GLU A 210 -0.59 11.33 -20.94
N ASN A 211 0.15 11.92 -21.87
CA ASN A 211 0.72 11.12 -22.96
C ASN A 211 1.74 10.10 -22.45
N LEU A 212 2.53 10.47 -21.44
CA LEU A 212 3.49 9.52 -20.90
C LEU A 212 2.81 8.43 -20.08
N ARG A 213 1.76 8.80 -19.33
CA ARG A 213 0.97 7.79 -18.62
C ARG A 213 0.36 6.79 -19.59
N GLN A 214 -0.10 7.27 -20.75
CA GLN A 214 -0.66 6.37 -21.76
C GLN A 214 0.40 5.44 -22.34
N GLN A 215 1.57 5.99 -22.69
CA GLN A 215 2.65 5.15 -23.19
C GLN A 215 3.05 4.09 -22.16
N SER A 216 3.10 4.48 -20.88
CA SER A 216 3.48 3.54 -19.84
C SER A 216 2.43 2.43 -19.69
N ALA A 217 1.15 2.80 -19.64
CA ALA A 217 0.07 1.81 -19.57
C ALA A 217 0.15 0.85 -20.75
N ASP A 218 0.36 1.37 -21.96
CA ASP A 218 0.44 0.52 -23.13
C ASP A 218 1.60 -0.47 -23.03
N ALA A 219 2.76 0.01 -22.58
CA ALA A 219 3.93 -0.87 -22.45
C ALA A 219 3.66 -1.97 -21.43
N LEU A 220 3.06 -1.61 -20.29
CA LEU A 220 2.81 -2.60 -19.26
C LEU A 220 1.81 -3.64 -19.72
N ALA A 221 0.74 -3.21 -20.40
CA ALA A 221 -0.25 -4.17 -20.87
C ALA A 221 0.32 -5.09 -21.94
N GLU A 222 1.27 -4.60 -22.75
CA GLU A 222 1.89 -5.45 -23.75
C GLU A 222 2.74 -6.53 -23.11
N ILE A 223 3.47 -6.19 -22.05
CA ILE A 223 4.22 -7.18 -21.28
C ILE A 223 3.26 -8.15 -20.61
N GLY A 224 2.25 -7.62 -19.93
CA GLY A 224 1.24 -8.41 -19.25
C GLY A 224 1.61 -8.64 -17.79
N PHE A 225 0.76 -8.19 -16.88
CA PHE A 225 0.95 -8.35 -15.44
C PHE A 225 -0.35 -8.84 -14.81
N ASP A 226 -0.25 -9.31 -13.56
CA ASP A 226 -1.44 -9.75 -12.84
C ASP A 226 -2.24 -8.58 -12.29
N GLY A 227 -1.58 -7.45 -12.03
CA GLY A 227 -2.21 -6.25 -11.52
C GLY A 227 -1.34 -5.09 -11.93
N TYR A 228 -1.88 -3.89 -11.79
CA TYR A 228 -1.23 -2.67 -12.27
C TYR A 228 -1.27 -1.62 -11.18
N ALA A 229 -0.12 -1.08 -10.86
CA ALA A 229 -0.02 -0.01 -9.88
C ALA A 229 0.12 1.34 -10.58
N VAL A 230 -0.44 2.36 -9.96
CA VAL A 230 -0.18 3.74 -10.35
C VAL A 230 0.96 4.22 -9.47
N GLY A 231 2.15 4.34 -10.06
CA GLY A 231 3.32 4.82 -9.37
C GLY A 231 3.53 6.31 -9.60
N GLY A 232 4.53 6.84 -8.91
CA GLY A 232 4.95 8.21 -9.13
C GLY A 232 4.05 9.27 -8.53
N LEU A 233 3.12 8.88 -7.66
CA LEU A 233 2.27 9.85 -6.96
C LEU A 233 2.53 9.77 -5.45
N ALA A 234 1.84 10.62 -4.69
CA ALA A 234 2.12 10.79 -3.27
C ALA A 234 3.60 11.12 -3.04
N VAL A 235 4.12 12.01 -3.88
CA VAL A 235 5.54 12.40 -3.81
C VAL A 235 5.66 13.92 -3.75
N GLY A 236 4.61 14.57 -3.25
CA GLY A 236 4.65 16.01 -3.02
C GLY A 236 3.69 16.82 -3.87
N GLU A 237 2.88 16.20 -4.72
CA GLU A 237 2.06 16.96 -5.68
C GLU A 237 0.77 17.52 -5.09
N GLY A 238 0.31 17.01 -3.96
CA GLY A 238 -0.96 17.57 -3.47
C GLY A 238 -2.17 16.86 -4.05
N GLN A 239 -3.27 16.89 -3.29
CA GLN A 239 -4.41 16.03 -3.59
C GLN A 239 -5.09 16.42 -4.90
N ASP A 240 -5.27 17.72 -5.15
CA ASP A 240 -5.94 18.14 -6.38
C ASP A 240 -5.22 17.62 -7.60
N GLU A 241 -3.88 17.79 -7.63
CA GLU A 241 -3.09 17.30 -8.75
C GLU A 241 -3.11 15.78 -8.84
N MET A 242 -2.99 15.11 -7.69
N MET A 242 -3.01 15.10 -7.68
CA MET A 242 -3.06 13.65 -7.71
CA MET A 242 -3.05 13.65 -7.68
C MET A 242 -4.37 13.17 -8.31
C MET A 242 -4.37 13.13 -8.25
N PHE A 243 -5.49 13.76 -7.88
CA PHE A 243 -6.79 13.36 -8.39
C PHE A 243 -6.89 13.63 -9.89
N ARG A 244 -6.34 14.76 -10.35
CA ARG A 244 -6.35 15.09 -11.76
C ARG A 244 -5.60 14.04 -12.58
N VAL A 245 -4.44 13.60 -12.07
CA VAL A 245 -3.68 12.57 -12.77
C VAL A 245 -4.43 11.24 -12.75
N LEU A 246 -5.04 10.89 -11.60
CA LEU A 246 -5.81 9.66 -11.55
C LEU A 246 -6.99 9.68 -12.52
N ASP A 247 -7.60 10.86 -12.71
CA ASP A 247 -8.77 10.96 -13.59
C ASP A 247 -8.47 10.38 -14.97
N PHE A 248 -7.31 10.70 -15.55
CA PHE A 248 -6.97 10.14 -16.85
C PHE A 248 -6.12 8.87 -16.80
N SER A 249 -5.40 8.62 -15.70
CA SER A 249 -4.43 7.52 -15.69
C SER A 249 -5.08 6.18 -15.42
N VAL A 250 -6.03 6.10 -14.47
CA VAL A 250 -6.61 4.81 -14.13
C VAL A 250 -7.36 4.18 -15.29
N PRO A 251 -8.16 4.90 -16.08
CA PRO A 251 -8.84 4.27 -17.22
C PRO A 251 -7.89 3.69 -18.27
N MET A 252 -6.62 4.09 -18.27
CA MET A 252 -5.67 3.54 -19.22
C MET A 252 -5.24 2.12 -18.87
N LEU A 253 -5.40 1.71 -17.61
CA LEU A 253 -4.99 0.38 -17.18
C LEU A 253 -6.07 -0.62 -17.55
N PRO A 254 -5.71 -1.90 -17.71
CA PRO A 254 -6.73 -2.92 -17.96
C PRO A 254 -7.82 -2.89 -16.90
N ASP A 255 -9.07 -2.86 -17.36
CA ASP A 255 -10.20 -2.76 -16.43
C ASP A 255 -10.36 -4.02 -15.60
N ASP A 256 -10.01 -5.17 -16.16
CA ASP A 256 -10.27 -6.46 -15.53
C ASP A 256 -9.20 -6.90 -14.56
N LYS A 257 -8.26 -6.01 -14.22
N LYS A 257 -8.25 -6.02 -14.22
CA LYS A 257 -7.17 -6.30 -13.31
CA LYS A 257 -7.19 -6.32 -13.29
C LYS A 257 -7.19 -5.30 -12.15
C LYS A 257 -7.18 -5.31 -12.16
N PRO A 258 -6.66 -5.67 -10.98
CA PRO A 258 -6.65 -4.72 -9.86
C PRO A 258 -5.73 -3.54 -10.11
N HIS A 259 -6.10 -2.40 -9.52
CA HIS A 259 -5.38 -1.14 -9.63
C HIS A 259 -4.91 -0.73 -8.24
N TYR A 260 -3.61 -0.56 -8.07
CA TYR A 260 -2.99 -0.29 -6.76
C TYR A 260 -2.34 1.09 -6.79
N LEU A 261 -2.81 2.00 -5.93
CA LEU A 261 -2.23 3.35 -5.85
C LEU A 261 -1.19 3.35 -4.75
N MET A 262 0.07 3.46 -5.13
CA MET A 262 1.18 3.30 -4.18
C MET A 262 1.36 4.55 -3.32
N GLY A 263 1.44 4.36 -2.02
CA GLY A 263 1.75 5.45 -1.11
C GLY A 263 0.55 6.24 -0.61
N VAL A 264 -0.67 5.85 -1.00
CA VAL A 264 -1.87 6.60 -0.65
C VAL A 264 -2.77 5.78 0.28
N GLY A 265 -3.26 6.37 1.38
CA GLY A 265 -3.04 7.76 1.76
C GLY A 265 -3.93 8.11 2.94
N LYS A 266 -4.19 9.41 3.11
CA LYS A 266 -5.14 9.84 4.11
C LYS A 266 -6.53 9.28 3.78
N PRO A 267 -7.43 9.20 4.77
CA PRO A 267 -8.77 8.68 4.49
C PRO A 267 -9.47 9.36 3.32
N ASP A 268 -9.36 10.68 3.22
CA ASP A 268 -9.99 11.38 2.10
C ASP A 268 -9.30 11.08 0.77
N ASP A 269 -7.99 10.85 0.79
CA ASP A 269 -7.29 10.41 -0.42
C ASP A 269 -7.84 9.07 -0.90
N ILE A 270 -8.06 8.15 0.04
CA ILE A 270 -8.55 6.83 -0.30
C ILE A 270 -9.95 6.91 -0.91
N VAL A 271 -10.84 7.69 -0.30
CA VAL A 271 -12.21 7.79 -0.81
C VAL A 271 -12.20 8.35 -2.23
N GLY A 272 -11.43 9.41 -2.47
CA GLY A 272 -11.38 10.00 -3.79
C GLY A 272 -10.70 9.10 -4.81
N ALA A 273 -9.70 8.34 -4.38
CA ALA A 273 -9.05 7.40 -5.29
C ALA A 273 -9.96 6.24 -5.66
N VAL A 274 -10.78 5.75 -4.71
CA VAL A 274 -11.74 4.71 -5.04
C VAL A 274 -12.77 5.23 -6.04
N GLU A 275 -13.19 6.50 -5.87
CA GLU A 275 -14.08 7.14 -6.84
C GLU A 275 -13.48 7.19 -8.23
N ARG A 276 -12.16 7.04 -8.34
CA ARG A 276 -11.46 7.12 -9.61
C ARG A 276 -10.94 5.75 -10.07
N GLY A 277 -11.37 4.67 -9.42
CA GLY A 277 -11.13 3.33 -9.90
C GLY A 277 -9.99 2.56 -9.25
N ILE A 278 -9.46 3.01 -8.11
CA ILE A 278 -8.37 2.32 -7.42
C ILE A 278 -8.96 1.25 -6.50
N ASP A 279 -8.27 0.10 -6.44
CA ASP A 279 -8.69 -1.08 -5.69
C ASP A 279 -7.83 -1.41 -4.48
N MET A 280 -6.60 -0.89 -4.40
CA MET A 280 -5.65 -1.30 -3.35
C MET A 280 -4.85 -0.10 -2.89
N PHE A 281 -4.56 -0.08 -1.58
CA PHE A 281 -3.91 1.04 -0.93
C PHE A 281 -2.91 0.57 0.11
N ASP A 282 -1.85 1.37 0.27
CA ASP A 282 -0.88 1.24 1.35
C ASP A 282 -0.48 2.65 1.75
N CYS A 283 -0.28 2.87 3.05
N CYS A 283 -0.28 2.87 3.04
CA CYS A 283 0.16 4.18 3.51
CA CYS A 283 0.21 4.17 3.48
C CYS A 283 0.75 4.03 4.91
C CYS A 283 0.78 4.02 4.89
N VAL A 284 1.86 4.75 5.17
CA VAL A 284 2.48 4.72 6.48
C VAL A 284 1.70 5.52 7.50
N LEU A 285 0.70 6.28 7.07
CA LEU A 285 0.02 7.22 7.97
C LEU A 285 -0.55 6.56 9.22
N PRO A 286 -1.41 5.54 9.14
CA PRO A 286 -2.03 5.05 10.39
C PRO A 286 -1.02 4.56 11.41
N THR A 287 0.07 3.94 10.95
CA THR A 287 1.08 3.47 11.90
C THR A 287 2.01 4.60 12.34
N ARG A 288 2.41 5.48 11.41
CA ARG A 288 3.22 6.62 11.78
C ARG A 288 2.45 7.57 12.69
N SER A 289 1.20 7.87 12.34
CA SER A 289 0.38 8.75 13.18
C SER A 289 0.21 8.17 14.58
N GLY A 290 0.00 6.86 14.68
CA GLY A 290 -0.21 6.25 15.97
C GLY A 290 0.98 6.36 16.91
N ARG A 291 2.20 6.34 16.35
CA ARG A 291 3.40 6.53 17.14
C ARG A 291 3.65 7.98 17.49
N ASN A 292 2.88 8.92 16.93
CA ASN A 292 3.12 10.34 17.12
C ASN A 292 1.90 11.09 17.66
N GLY A 293 0.95 10.37 18.26
CA GLY A 293 -0.17 10.99 18.93
C GLY A 293 -1.36 11.37 18.07
N GLN A 294 -1.42 10.93 16.82
CA GLN A 294 -2.55 11.27 15.95
C GLN A 294 -3.48 10.08 15.79
N ALA A 295 -4.76 10.27 16.08
CA ALA A 295 -5.77 9.24 15.91
C ALA A 295 -6.74 9.66 14.82
N PHE A 296 -7.15 8.71 13.98
CA PHE A 296 -8.14 8.99 12.95
C PHE A 296 -9.55 8.75 13.48
N THR A 297 -10.47 9.65 13.15
CA THR A 297 -11.87 9.56 13.56
C THR A 297 -12.73 9.98 12.38
N TRP A 298 -14.02 9.63 12.45
CA TRP A 298 -14.94 10.07 11.39
C TRP A 298 -15.12 11.58 11.36
N ASP A 299 -14.70 12.29 12.40
CA ASP A 299 -14.74 13.73 12.43
C ASP A 299 -13.38 14.35 12.14
N GLY A 300 -12.47 13.59 11.54
CA GLY A 300 -11.14 14.07 11.23
C GLY A 300 -10.11 13.57 12.22
N PRO A 301 -8.83 13.81 11.93
CA PRO A 301 -7.78 13.39 12.86
C PRO A 301 -7.77 14.26 14.11
N ILE A 302 -7.36 13.66 15.23
CA ILE A 302 -7.16 14.39 16.48
C ILE A 302 -5.75 14.13 17.00
N ASN A 303 -5.22 15.10 17.74
N ASN A 303 -5.12 15.13 17.60
CA ASN A 303 -3.91 15.01 18.37
CA ASN A 303 -3.87 14.85 18.31
C ASN A 303 -4.16 14.69 19.85
C ASN A 303 -4.20 14.65 19.78
N ILE A 304 -4.15 13.39 20.19
CA ILE A 304 -4.57 12.97 21.52
C ILE A 304 -3.72 13.57 22.63
N ARG A 305 -2.51 14.05 22.33
CA ARG A 305 -1.68 14.65 23.37
C ARG A 305 -2.18 16.03 23.80
N ASN A 306 -3.03 16.66 22.99
CA ASN A 306 -3.52 17.99 23.35
C ASN A 306 -4.29 17.94 24.66
N ALA A 307 -4.12 19.01 25.46
CA ALA A 307 -4.73 19.08 26.78
C ALA A 307 -6.24 18.97 26.75
N ARG A 308 -6.88 19.29 25.61
N ARG A 308 -6.89 19.28 25.61
CA ARG A 308 -8.34 19.20 25.51
CA ARG A 308 -8.34 19.20 25.54
C ARG A 308 -8.85 17.78 25.74
C ARG A 308 -8.86 17.77 25.66
N PHE A 309 -7.99 16.77 25.59
CA PHE A 309 -8.41 15.39 25.74
C PHE A 309 -8.15 14.82 27.13
N SER A 310 -7.56 15.61 28.03
CA SER A 310 -7.15 15.08 29.33
C SER A 310 -8.33 14.66 30.19
N GLU A 311 -9.52 15.21 29.96
CA GLU A 311 -10.72 14.84 30.73
C GLU A 311 -11.83 14.31 29.85
N ASP A 312 -11.52 13.89 28.62
CA ASP A 312 -12.52 13.48 27.66
C ASP A 312 -12.76 11.97 27.84
N LEU A 313 -13.94 11.62 28.35
CA LEU A 313 -14.26 10.23 28.64
C LEU A 313 -14.77 9.45 27.43
N LYS A 314 -14.92 10.08 26.27
CA LYS A 314 -15.37 9.38 25.09
C LYS A 314 -14.24 8.51 24.53
N PRO A 315 -14.55 7.43 23.82
CA PRO A 315 -13.52 6.68 23.10
C PRO A 315 -12.92 7.54 22.00
N LEU A 316 -11.80 7.05 21.45
CA LEU A 316 -11.15 7.76 20.34
C LEU A 316 -12.14 8.14 19.26
N ASP A 317 -13.02 7.21 18.87
CA ASP A 317 -14.09 7.52 17.95
C ASP A 317 -15.39 6.89 18.45
N SER A 318 -16.47 7.66 18.39
CA SER A 318 -17.76 7.28 18.93
C SER A 318 -18.41 6.09 18.24
N GLU A 319 -18.03 5.80 16.99
CA GLU A 319 -18.64 4.70 16.26
C GLU A 319 -17.70 3.52 16.05
N CYS A 320 -16.42 3.69 16.32
CA CYS A 320 -15.42 2.67 16.03
C CYS A 320 -15.66 1.42 16.87
N HIS A 321 -15.57 0.26 16.23
CA HIS A 321 -15.81 -1.01 16.91
C HIS A 321 -14.53 -1.67 17.40
N CYS A 322 -13.39 -0.99 17.34
CA CYS A 322 -12.14 -1.65 17.69
C CYS A 322 -12.07 -1.94 19.19
N ALA A 323 -11.12 -2.81 19.57
CA ALA A 323 -11.03 -3.21 20.97
C ALA A 323 -10.62 -2.04 21.87
N VAL A 324 -9.84 -1.10 21.35
CA VAL A 324 -9.46 0.07 22.14
C VAL A 324 -10.68 0.91 22.47
N CYS A 325 -11.52 1.19 21.47
CA CYS A 325 -12.68 2.05 21.68
C CYS A 325 -13.77 1.37 22.49
N GLN A 326 -13.75 0.03 22.56
CA GLN A 326 -14.69 -0.65 23.42
C GLN A 326 -14.35 -0.53 24.89
N LYS A 327 -13.10 -0.21 25.22
N LYS A 327 -13.10 -0.23 25.23
CA LYS A 327 -12.63 -0.34 26.59
CA LYS A 327 -12.67 -0.29 26.61
C LYS A 327 -12.09 0.95 27.21
C LYS A 327 -12.17 1.02 27.19
N TRP A 328 -11.36 1.78 26.46
CA TRP A 328 -10.65 2.91 27.05
C TRP A 328 -11.03 4.25 26.45
N SER A 329 -10.89 5.29 27.26
CA SER A 329 -11.24 6.66 26.91
C SER A 329 -10.07 7.41 26.28
N ARG A 330 -10.42 8.47 25.57
CA ARG A 330 -9.43 9.45 25.15
C ARG A 330 -8.56 9.90 26.31
N ALA A 331 -9.17 10.15 27.47
CA ALA A 331 -8.42 10.64 28.62
C ALA A 331 -7.33 9.67 29.04
N TYR A 332 -7.62 8.37 29.04
CA TYR A 332 -6.61 7.39 29.45
C TYR A 332 -5.51 7.26 28.40
N ILE A 333 -5.87 7.21 27.11
N ILE A 333 -5.86 7.24 27.12
CA ILE A 333 -4.88 7.16 26.04
CA ILE A 333 -4.83 7.14 26.08
C ILE A 333 -3.97 8.38 26.12
C ILE A 333 -3.95 8.39 26.07
N HIS A 334 -4.57 9.56 26.21
CA HIS A 334 -3.81 10.80 26.43
C HIS A 334 -2.84 10.66 27.59
N HIS A 335 -3.34 10.18 28.73
CA HIS A 335 -2.48 9.98 29.91
C HIS A 335 -1.29 9.07 29.61
N LEU A 336 -1.54 7.93 29.00
CA LEU A 336 -0.46 6.98 28.71
C LEU A 336 0.62 7.62 27.83
N ILE A 337 0.20 8.27 26.74
CA ILE A 337 1.17 8.85 25.83
C ILE A 337 1.95 9.98 26.52
N ARG A 338 1.25 10.82 27.28
CA ARG A 338 1.92 11.90 27.98
C ARG A 338 2.88 11.38 29.04
N ALA A 339 2.60 10.21 29.62
CA ALA A 339 3.47 9.62 30.61
C ALA A 339 4.66 8.89 29.99
N GLY A 340 4.74 8.80 28.66
CA GLY A 340 5.83 8.07 28.03
C GLY A 340 5.63 6.58 27.95
N GLU A 341 4.41 6.10 28.14
CA GLU A 341 4.14 4.66 28.13
C GLU A 341 3.92 4.19 26.70
N ILE A 342 4.71 3.22 26.26
CA ILE A 342 4.56 2.71 24.89
C ILE A 342 3.19 2.12 24.66
N LEU A 343 2.54 1.65 25.73
CA LEU A 343 1.16 1.16 25.62
C LEU A 343 0.26 2.17 24.94
N GLY A 344 0.43 3.46 25.25
CA GLY A 344 -0.42 4.47 24.63
C GLY A 344 -0.28 4.49 23.12
N ALA A 345 0.96 4.50 22.63
CA ALA A 345 1.17 4.47 21.18
C ALA A 345 0.66 3.17 20.56
N MET A 346 0.80 2.05 21.27
N MET A 346 0.79 2.07 21.30
CA MET A 346 0.30 0.78 20.72
CA MET A 346 0.31 0.77 20.80
C MET A 346 -1.22 0.80 20.59
C MET A 346 -1.20 0.78 20.62
N LEU A 347 -1.92 1.30 21.60
CA LEU A 347 -3.38 1.39 21.50
C LEU A 347 -3.80 2.33 20.39
N MET A 348 -3.11 3.47 20.23
CA MET A 348 -3.41 4.39 19.14
C MET A 348 -3.21 3.72 17.78
N THR A 349 -2.11 2.97 17.63
CA THR A 349 -1.83 2.30 16.37
C THR A 349 -2.89 1.25 16.07
N GLU A 350 -3.26 0.46 17.09
N GLU A 350 -3.30 0.49 17.09
CA GLU A 350 -4.31 -0.54 16.93
CA GLU A 350 -4.31 -0.54 16.87
C GLU A 350 -5.61 0.12 16.45
C GLU A 350 -5.64 0.08 16.48
N HIS A 351 -6.01 1.20 17.11
CA HIS A 351 -7.22 1.90 16.70
C HIS A 351 -7.11 2.41 15.26
N ASN A 352 -5.97 3.00 14.89
CA ASN A 352 -5.85 3.57 13.56
C ASN A 352 -5.94 2.51 12.47
N ILE A 353 -5.27 1.37 12.65
CA ILE A 353 -5.39 0.28 11.69
C ILE A 353 -6.84 -0.18 11.60
N ALA A 354 -7.52 -0.31 12.75
CA ALA A 354 -8.91 -0.75 12.73
C ALA A 354 -9.82 0.28 12.07
N PHE A 355 -9.57 1.56 12.32
CA PHE A 355 -10.34 2.61 11.66
C PHE A 355 -10.20 2.51 10.14
N TYR A 356 -8.98 2.33 9.65
CA TYR A 356 -8.77 2.21 8.21
C TYR A 356 -9.52 0.99 7.66
N GLN A 357 -9.53 -0.13 8.39
CA GLN A 357 -10.27 -1.29 7.91
C GLN A 357 -11.77 -1.07 7.95
N GLN A 358 -12.29 -0.35 8.95
CA GLN A 358 -13.70 -0.02 8.97
C GLN A 358 -14.06 0.90 7.81
N LEU A 359 -13.17 1.84 7.48
CA LEU A 359 -13.36 2.67 6.30
C LEU A 359 -13.47 1.82 5.04
N MET A 360 -12.55 0.86 4.86
CA MET A 360 -12.58 0.04 3.66
C MET A 360 -13.85 -0.80 3.61
N GLN A 361 -14.29 -1.32 4.76
CA GLN A 361 -15.52 -2.09 4.79
C GLN A 361 -16.73 -1.24 4.40
N LYS A 362 -16.79 -0.01 4.93
CA LYS A 362 -17.88 0.89 4.53
C LYS A 362 -17.83 1.19 3.04
N ILE A 363 -16.63 1.36 2.49
CA ILE A 363 -16.49 1.60 1.05
C ILE A 363 -17.00 0.41 0.26
N ARG A 364 -16.55 -0.80 0.61
CA ARG A 364 -16.99 -2.01 -0.09
C ARG A 364 -18.49 -2.19 -0.01
N ASP A 365 -19.06 -2.06 1.20
CA ASP A 365 -20.51 -2.21 1.36
C ASP A 365 -21.26 -1.17 0.55
N SER A 366 -20.80 0.09 0.58
N SER A 366 -20.79 0.08 0.60
CA SER A 366 -21.54 1.13 -0.12
CA SER A 366 -21.49 1.16 -0.11
C SER A 366 -21.50 0.95 -1.63
C SER A 366 -21.49 0.93 -1.62
N ILE A 367 -20.35 0.55 -2.19
CA ILE A 367 -20.30 0.26 -3.63
C ILE A 367 -21.23 -0.91 -3.94
N SER A 368 -21.15 -1.98 -3.15
N SER A 368 -21.15 -1.98 -3.15
CA SER A 368 -21.98 -3.14 -3.42
CA SER A 368 -21.99 -3.15 -3.41
C SER A 368 -23.46 -2.79 -3.39
C SER A 368 -23.47 -2.79 -3.38
N GLU A 369 -23.85 -1.83 -2.54
CA GLU A 369 -25.24 -1.46 -2.34
C GLU A 369 -25.67 -0.27 -3.20
N GLY A 370 -24.77 0.27 -4.03
CA GLY A 370 -25.13 1.40 -4.87
C GLY A 370 -25.30 2.72 -4.13
N ARG A 371 -24.63 2.89 -2.99
CA ARG A 371 -24.73 4.14 -2.24
C ARG A 371 -23.37 4.74 -1.97
N PHE A 372 -22.36 4.40 -2.77
CA PHE A 372 -21.02 4.92 -2.53
C PHE A 372 -20.92 6.42 -2.80
N SER A 373 -21.59 6.91 -3.84
CA SER A 373 -21.59 8.36 -4.10
C SER A 373 -22.09 9.12 -2.88
N GLN A 374 -23.19 8.65 -2.29
CA GLN A 374 -23.72 9.30 -1.09
C GLN A 374 -22.78 9.14 0.08
N PHE A 375 -22.18 7.96 0.24
CA PHE A 375 -21.22 7.76 1.32
C PHE A 375 -20.05 8.73 1.20
N ALA A 376 -19.51 8.89 -0.01
CA ALA A 376 -18.37 9.78 -0.18
C ALA A 376 -18.74 11.21 0.19
N GLN A 377 -19.94 11.64 -0.19
N GLN A 377 -19.94 11.64 -0.19
CA GLN A 377 -20.38 12.99 0.15
CA GLN A 377 -20.39 12.99 0.14
C GLN A 377 -20.57 13.15 1.65
C GLN A 377 -20.57 13.14 1.65
N ASP A 378 -21.25 12.18 2.29
CA ASP A 378 -21.44 12.24 3.74
C ASP A 378 -20.11 12.16 4.47
N PHE A 379 -19.21 11.29 4.00
CA PHE A 379 -17.91 11.17 4.64
C PHE A 379 -17.18 12.50 4.65
N ARG A 380 -17.12 13.17 3.49
CA ARG A 380 -16.37 14.42 3.40
C ARG A 380 -17.00 15.50 4.27
N ALA A 381 -18.33 15.61 4.25
CA ALA A 381 -19.00 16.66 5.01
C ALA A 381 -18.66 16.56 6.49
N ARG A 382 -18.58 15.34 7.01
CA ARG A 382 -18.31 15.16 8.43
C ARG A 382 -16.81 15.19 8.74
N TYR A 383 -16.00 14.57 7.88
CA TYR A 383 -14.56 14.51 8.13
C TYR A 383 -13.95 15.90 8.13
N PHE A 384 -14.45 16.80 7.29
CA PHE A 384 -13.91 18.15 7.18
C PHE A 384 -14.70 19.19 7.94
N ALA A 385 -15.78 18.80 8.61
CA ALA A 385 -16.63 19.76 9.31
C ALA A 385 -15.86 20.62 10.31
C1 GOL B . 1.34 -10.69 11.65
O1 GOL B . 0.31 -11.02 12.57
C2 GOL B . 2.12 -9.47 12.14
O2 GOL B . 1.25 -8.39 12.35
C3 GOL B . 2.85 -9.84 13.43
O3 GOL B . 3.60 -8.74 13.94
C1 GOL C . -6.44 -8.07 -19.93
O1 GOL C . -6.03 -7.66 -18.64
C2 GOL C . -6.54 -9.59 -20.06
O2 GOL C . -7.33 -10.16 -19.04
C3 GOL C . -5.15 -10.23 -20.10
O3 GOL C . -5.29 -11.60 -20.45
C1 GOL D . -17.49 -7.21 -3.18
O1 GOL D . -17.65 -6.43 -2.02
C2 GOL D . -16.77 -8.52 -2.90
O2 GOL D . -17.72 -9.58 -2.87
C3 GOL D . -16.02 -8.44 -1.58
O3 GOL D . -15.23 -7.29 -1.57
C1 GOL E . -19.70 -5.99 0.17
O1 GOL E . -20.13 -7.29 -0.14
C2 GOL E . -18.73 -5.96 1.36
O2 GOL E . -19.43 -6.36 2.51
C3 GOL E . -17.52 -6.87 1.16
O3 GOL E . -16.58 -6.66 2.20
C1 GOL F . 13.24 -22.64 -11.69
O1 GOL F . 12.86 -22.19 -10.42
C2 GOL F . 14.72 -22.95 -11.67
O2 GOL F . 14.98 -24.23 -11.09
C3 GOL F . 15.46 -21.85 -10.93
O3 GOL F . 15.08 -20.62 -11.51
ZN ZN G . -11.19 2.45 17.78
C1 725 H . 4.87 6.95 -2.01
C2 725 H . 5.63 5.15 -2.90
N3 725 H . 7.98 0.92 -6.36
C4 725 H . 6.75 3.04 -2.03
C5 725 H . 5.70 2.09 -1.45
C6 725 H . 6.23 1.26 -0.30
C10 725 H . 6.18 -1.12 3.64
C13 725 H . 6.45 3.58 -4.52
C14 725 H . 7.41 2.08 -6.04
C15 725 H . 6.46 4.14 -6.92
C16 725 H . 6.10 4.46 -5.55
C17 725 H . 5.46 5.67 -5.28
C18 725 H . 5.22 6.00 -3.96
O4 725 H . 6.24 4.87 -7.88
N4 725 H . 7.12 2.94 -7.07
N2 725 H . 7.10 2.35 -4.76
N1 725 H . 5.40 5.78 -1.68
N5 725 H . 4.74 7.14 -3.33
N 725 H . 4.53 7.90 -1.14
C 725 H . 4.67 7.76 0.30
C3 725 H . 6.24 3.91 -3.16
C11 725 H . 5.27 0.24 0.30
O3 725 H . 5.55 -1.03 -0.29
C12 725 H . 4.43 -1.88 -0.45
C9 725 H . 5.59 0.28 1.80
O2 725 H . 6.09 -0.98 2.23
C7 725 H . 6.69 1.33 1.89
O 725 H . 6.52 2.18 0.79
O1 725 H . 6.51 2.02 3.10
C8 725 H . 7.60 2.90 3.40
C1 EDO I . 7.29 -17.86 -3.62
O1 EDO I . 8.22 -16.79 -3.84
C2 EDO I . 5.95 -17.28 -3.16
O2 EDO I . 5.09 -18.35 -2.72
C1 PG4 J . -8.78 -10.82 -15.45
C2 PG4 J . -8.21 -11.38 -14.19
O2 PG4 J . -8.21 -12.80 -14.27
C3 PG4 J . -8.90 -13.40 -13.19
C4 PG4 J . -10.38 -13.21 -13.34
O3 PG4 J . -11.03 -14.04 -12.37
C5 PG4 J . -12.38 -13.72 -12.06
C6 PG4 J . -13.17 -13.27 -13.23
O4 PG4 J . -14.48 -12.93 -12.82
C7 PG4 J . -15.12 -11.99 -13.67
C8 PG4 J . -15.64 -10.83 -12.87
O5 PG4 J . -14.71 -9.76 -12.80
#